data_4IKX
#
_entry.id   4IKX
#
_cell.length_a   54.146
_cell.length_b   95.239
_cell.length_c   57.592
_cell.angle_alpha   90.000
_cell.angle_beta   111.210
_cell.angle_gamma   90.000
#
_symmetry.space_group_name_H-M   'P 1 21 1'
#
loop_
_entity.id
_entity.type
_entity.pdbx_description
1 polymer 'Di-tripeptide ABC transporter (Permease)'
2 non-polymer 'SULFATE ION'
3 non-polymer 'OLEIC ACID'
4 water water
#
_entity_poly.entity_id   1
_entity_poly.type   'polypeptide(L)'
_entity_poly.pdbx_seq_one_letter_code
;MASIDKQQIAASVPQRGFFGHPKGLFTLFFTEFWERFSYYGMRAILVYYMYYEVSKGGLGLDEHLALAIMSIYGALVYMS
GIIGGWLADRVFGTSRAVFYGGLLIMAGHIALAIPGGVAALFVSMALIVLGTGLLKPNVSSIVGDMYKPGDDRRDAGFSI
FYMGINLGAFLAPLVVGTAGMKYNFHLGFGLAAVGMFLGLVVFVATRKKNLGLAGTYVPNPLTPAEKKKAAAIMAVGAVV
IAVLLAILIPNGWFTVETFISLVGILGIIIPIIYFVVMYRSPKTTAEERSRVIAYIPLFVASAMFWAIQQQGSTILANYA
DKRTQLDVAGIHLSPAWFQSLNPLFIIILAPVFAWMWVKLGKRQPTIPQKFALGLLFAGLSFIVILVPGHLSGGGLVHPI
WLVLSYFIVVLGELCLSPVGLSATTKLAPAAFSAQTMSLWFLSNAAAQAINAQLVRFYTPENETAYFGTIGGAALVLGLI
LLAIAPRIGRLMKGIRLESSGENLYFQ
;
_entity_poly.pdbx_strand_id   A
#
loop_
_chem_comp.id
_chem_comp.type
_chem_comp.name
_chem_comp.formula
OLA non-polymer 'OLEIC ACID' 'C18 H34 O2'
SO4 non-polymer 'SULFATE ION' 'O4 S -2'
#
# COMPACT_ATOMS: atom_id res chain seq x y z
N ALA A 2 -22.85 -18.07 9.46
CA ALA A 2 -23.45 -18.19 8.14
C ALA A 2 -22.42 -18.63 7.11
N SER A 3 -21.35 -19.26 7.59
CA SER A 3 -20.32 -19.78 6.70
C SER A 3 -20.84 -20.95 5.89
N ILE A 4 -20.52 -20.98 4.60
CA ILE A 4 -20.99 -22.02 3.71
C ILE A 4 -19.85 -22.95 3.30
N ASP A 5 -20.19 -24.21 3.04
CA ASP A 5 -19.23 -25.21 2.61
C ASP A 5 -18.47 -24.75 1.37
N LYS A 6 -17.14 -24.83 1.41
CA LYS A 6 -16.29 -24.34 0.33
C LYS A 6 -16.50 -25.09 -0.98
N GLN A 7 -16.74 -26.39 -0.89
CA GLN A 7 -17.03 -27.19 -2.08
C GLN A 7 -18.34 -26.75 -2.70
N GLN A 8 -19.29 -26.39 -1.86
CA GLN A 8 -20.61 -25.94 -2.31
C GLN A 8 -20.53 -24.55 -2.95
N ILE A 9 -19.71 -23.68 -2.37
CA ILE A 9 -19.51 -22.33 -2.90
C ILE A 9 -18.87 -22.39 -4.28
N ALA A 10 -17.83 -23.21 -4.41
CA ALA A 10 -17.13 -23.37 -5.68
C ALA A 10 -18.01 -24.06 -6.72
N ALA A 11 -18.99 -24.83 -6.24
CA ALA A 11 -19.92 -25.53 -7.12
C ALA A 11 -20.85 -24.58 -7.86
N SER A 12 -21.07 -23.40 -7.25
CA SER A 12 -21.93 -22.39 -7.86
C SER A 12 -21.14 -21.50 -8.82
N VAL A 13 -19.84 -21.77 -8.91
CA VAL A 13 -18.96 -20.99 -9.77
C VAL A 13 -18.60 -21.78 -11.02
N PRO A 14 -18.83 -21.20 -12.21
CA PRO A 14 -18.37 -21.80 -13.47
C PRO A 14 -16.86 -22.00 -13.41
N GLN A 15 -16.38 -23.16 -13.84
CA GLN A 15 -14.99 -23.52 -13.61
C GLN A 15 -14.04 -23.20 -14.77
N ARG A 16 -14.59 -22.81 -15.91
CA ARG A 16 -13.76 -22.49 -17.08
C ARG A 16 -14.23 -21.22 -17.75
N GLY A 17 -13.45 -20.76 -18.74
CA GLY A 17 -13.82 -19.59 -19.52
C GLY A 17 -12.79 -18.47 -19.53
N PHE A 18 -11.65 -18.70 -18.88
CA PHE A 18 -10.61 -17.67 -18.80
C PHE A 18 -9.24 -18.27 -18.54
N PHE A 19 -8.55 -18.64 -19.62
CA PHE A 19 -7.22 -19.24 -19.56
C PHE A 19 -7.17 -20.51 -18.70
N GLY A 20 -8.21 -21.32 -18.82
CA GLY A 20 -8.30 -22.56 -18.06
C GLY A 20 -8.78 -22.33 -16.64
N HIS A 21 -9.08 -21.08 -16.32
CA HIS A 21 -9.58 -20.70 -15.01
C HIS A 21 -11.05 -20.31 -15.09
N PRO A 22 -11.75 -20.30 -13.94
CA PRO A 22 -13.15 -19.85 -13.89
C PRO A 22 -13.34 -18.47 -14.50
N LYS A 23 -14.53 -18.22 -15.04
CA LYS A 23 -14.87 -16.92 -15.62
C LYS A 23 -14.80 -15.82 -14.56
N GLY A 24 -15.01 -16.21 -13.31
CA GLY A 24 -14.98 -15.27 -12.21
C GLY A 24 -13.64 -14.59 -12.03
N LEU A 25 -12.57 -15.28 -12.42
CA LEU A 25 -11.22 -14.71 -12.35
C LEU A 25 -11.12 -13.49 -13.25
N PHE A 26 -11.71 -13.58 -14.44
CA PHE A 26 -11.78 -12.45 -15.36
C PHE A 26 -12.48 -11.27 -14.70
N THR A 27 -13.62 -11.55 -14.06
CA THR A 27 -14.40 -10.54 -13.38
C THR A 27 -13.61 -9.86 -12.28
N LEU A 28 -12.89 -10.67 -11.49
CA LEU A 28 -12.13 -10.16 -10.36
C LEU A 28 -10.81 -9.50 -10.79
N PHE A 29 -10.21 -10.03 -11.85
CA PHE A 29 -8.97 -9.47 -12.39
C PHE A 29 -9.15 -8.02 -12.80
N PHE A 30 -10.14 -7.76 -13.64
CA PHE A 30 -10.38 -6.42 -14.17
C PHE A 30 -10.99 -5.47 -13.15
N THR A 31 -11.75 -6.01 -12.20
CA THR A 31 -12.28 -5.20 -11.11
C THR A 31 -11.12 -4.67 -10.27
N GLU A 32 -10.17 -5.56 -9.98
CA GLU A 32 -8.97 -5.20 -9.25
C GLU A 32 -8.06 -4.32 -10.07
N PHE A 33 -7.90 -4.67 -11.35
CA PHE A 33 -7.05 -3.90 -12.26
C PHE A 33 -7.47 -2.44 -12.34
N TRP A 34 -8.74 -2.21 -12.65
CA TRP A 34 -9.26 -0.86 -12.81
C TRP A 34 -9.22 -0.06 -11.51
N GLU A 35 -9.45 -0.73 -10.39
CA GLU A 35 -9.38 -0.08 -9.09
C GLU A 35 -7.96 0.38 -8.80
N ARG A 36 -6.99 -0.50 -9.03
CA ARG A 36 -5.59 -0.16 -8.86
C ARG A 36 -5.17 0.89 -9.88
N PHE A 37 -5.74 0.79 -11.08
CA PHE A 37 -5.48 1.74 -12.16
C PHE A 37 -5.89 3.15 -11.73
N SER A 38 -7.11 3.28 -11.24
CA SER A 38 -7.64 4.57 -10.81
C SER A 38 -6.85 5.15 -9.64
N TYR A 39 -6.47 4.28 -8.70
CA TYR A 39 -5.76 4.71 -7.51
C TYR A 39 -4.37 5.24 -7.82
N TYR A 40 -3.59 4.44 -8.57
CA TYR A 40 -2.23 4.83 -8.90
C TYR A 40 -2.17 5.94 -9.94
N GLY A 41 -3.20 6.01 -10.79
CA GLY A 41 -3.31 7.09 -11.75
C GLY A 41 -3.55 8.40 -11.03
N MET A 42 -4.50 8.37 -10.10
CA MET A 42 -4.82 9.54 -9.28
C MET A 42 -3.61 9.98 -8.46
N ARG A 43 -2.88 9.02 -7.91
CA ARG A 43 -1.71 9.32 -7.08
C ARG A 43 -0.55 9.91 -7.89
N ALA A 44 -0.48 9.57 -9.16
CA ALA A 44 0.62 10.01 -10.02
C ALA A 44 0.59 11.51 -10.27
N ILE A 45 -0.56 12.13 -10.08
CA ILE A 45 -0.71 13.56 -10.34
C ILE A 45 -1.23 14.33 -9.13
N LEU A 46 -1.68 13.61 -8.11
CA LEU A 46 -2.28 14.23 -6.93
C LEU A 46 -1.30 15.17 -6.22
N VAL A 47 -0.05 14.73 -6.07
CA VAL A 47 0.97 15.53 -5.41
C VAL A 47 1.24 16.83 -6.17
N TYR A 48 1.28 16.73 -7.49
CA TYR A 48 1.49 17.90 -8.34
C TYR A 48 0.27 18.81 -8.28
N TYR A 49 -0.91 18.21 -8.26
CA TYR A 49 -2.16 18.95 -8.20
C TYR A 49 -2.25 19.80 -6.94
N MET A 50 -1.59 19.36 -5.88
CA MET A 50 -1.64 20.06 -4.60
C MET A 50 -0.74 21.30 -4.53
N TYR A 51 0.52 21.16 -4.94
CA TYR A 51 1.46 22.29 -4.79
C TYR A 51 1.68 23.14 -6.03
N TYR A 52 1.15 22.72 -7.18
CA TYR A 52 1.22 23.54 -8.38
C TYR A 52 0.46 24.85 -8.19
N GLU A 53 0.80 25.85 -9.00
CA GLU A 53 0.12 27.14 -8.93
C GLU A 53 -1.36 27.02 -9.24
N VAL A 54 -2.16 27.90 -8.63
CA VAL A 54 -3.59 27.97 -8.89
C VAL A 54 -3.84 28.29 -10.36
N SER A 55 -3.00 29.16 -10.91
CA SER A 55 -3.10 29.54 -12.32
C SER A 55 -2.68 28.40 -13.24
N LYS A 56 -2.06 27.38 -12.67
CA LYS A 56 -1.67 26.19 -13.44
C LYS A 56 -2.62 25.03 -13.18
N GLY A 57 -3.77 25.34 -12.58
CA GLY A 57 -4.77 24.32 -12.29
C GLY A 57 -4.50 23.58 -10.99
N GLY A 58 -3.46 24.01 -10.28
CA GLY A 58 -3.10 23.39 -9.02
C GLY A 58 -3.89 23.96 -7.85
N LEU A 59 -3.59 23.46 -6.65
CA LEU A 59 -4.29 23.89 -5.44
C LEU A 59 -3.56 25.03 -4.74
N GLY A 60 -2.29 25.22 -5.08
CA GLY A 60 -1.49 26.28 -4.51
C GLY A 60 -1.07 26.02 -3.08
N LEU A 61 -1.15 24.76 -2.67
CA LEU A 61 -0.74 24.36 -1.32
C LEU A 61 0.77 24.37 -1.18
N ASP A 62 1.24 24.44 0.06
CA ASP A 62 2.67 24.38 0.35
C ASP A 62 3.24 23.03 -0.07
N GLU A 63 4.46 23.04 -0.60
CA GLU A 63 5.11 21.84 -1.09
C GLU A 63 5.29 20.77 0.00
N HIS A 64 5.77 21.20 1.17
CA HIS A 64 5.99 20.27 2.27
C HIS A 64 4.69 19.69 2.80
N LEU A 65 3.62 20.48 2.77
CA LEU A 65 2.31 20.00 3.21
C LEU A 65 1.77 18.99 2.21
N ALA A 66 1.94 19.28 0.92
CA ALA A 66 1.49 18.40 -0.14
C ALA A 66 2.18 17.04 -0.05
N LEU A 67 3.50 17.04 0.10
CA LEU A 67 4.27 15.81 0.20
C LEU A 67 3.91 15.03 1.46
N ALA A 68 3.59 15.76 2.54
CA ALA A 68 3.20 15.14 3.79
C ALA A 68 1.84 14.45 3.68
N ILE A 69 0.93 15.07 2.93
CA ILE A 69 -0.39 14.49 2.70
C ILE A 69 -0.30 13.19 1.90
N MET A 70 0.52 13.19 0.85
CA MET A 70 0.73 12.00 0.04
C MET A 70 1.31 10.85 0.86
N SER A 71 2.16 11.19 1.82
CA SER A 71 2.82 10.20 2.65
C SER A 71 1.84 9.41 3.51
N ILE A 72 0.93 10.13 4.17
CA ILE A 72 -0.02 9.50 5.08
C ILE A 72 -1.14 8.74 4.36
N TYR A 73 -1.27 8.97 3.06
CA TYR A 73 -2.36 8.40 2.27
C TYR A 73 -2.38 6.88 2.36
N GLY A 74 -1.26 6.23 2.06
CA GLY A 74 -1.17 4.79 2.13
C GLY A 74 -1.37 4.25 3.53
N ALA A 75 -0.93 5.02 4.53
CA ALA A 75 -1.09 4.63 5.93
C ALA A 75 -2.55 4.63 6.33
N LEU A 76 -3.30 5.60 5.84
CA LEU A 76 -4.73 5.69 6.12
C LEU A 76 -5.49 4.53 5.47
N VAL A 77 -5.06 4.13 4.29
CA VAL A 77 -5.66 3.01 3.57
C VAL A 77 -5.49 1.72 4.36
N TYR A 78 -4.32 1.56 4.96
CA TYR A 78 -4.03 0.39 5.78
C TYR A 78 -4.98 0.29 6.97
N MET A 79 -5.11 1.39 7.71
CA MET A 79 -6.00 1.44 8.87
C MET A 79 -7.44 1.25 8.43
N SER A 80 -7.76 1.71 7.22
CA SER A 80 -9.09 1.52 6.66
C SER A 80 -9.28 0.05 6.30
N GLY A 81 -8.23 -0.58 5.79
CA GLY A 81 -8.27 -1.97 5.42
C GLY A 81 -8.47 -2.90 6.61
N ILE A 82 -8.00 -2.46 7.77
CA ILE A 82 -8.20 -3.20 9.00
C ILE A 82 -9.68 -3.25 9.34
N ILE A 83 -10.34 -2.10 9.23
CA ILE A 83 -11.76 -1.98 9.53
C ILE A 83 -12.59 -2.72 8.48
N GLY A 84 -12.26 -2.51 7.21
CA GLY A 84 -12.97 -3.14 6.11
C GLY A 84 -12.90 -4.65 6.13
N GLY A 85 -11.82 -5.19 6.69
CA GLY A 85 -11.68 -6.63 6.83
C GLY A 85 -12.65 -7.18 7.85
N TRP A 86 -12.79 -6.46 8.95
CA TRP A 86 -13.72 -6.85 10.01
C TRP A 86 -15.16 -6.70 9.56
N LEU A 87 -15.43 -5.65 8.78
CA LEU A 87 -16.78 -5.40 8.28
C LEU A 87 -17.25 -6.50 7.33
N ALA A 88 -16.39 -6.90 6.41
CA ALA A 88 -16.74 -7.95 5.46
C ALA A 88 -16.87 -9.29 6.14
N ASP A 89 -15.96 -9.58 7.06
CA ASP A 89 -15.95 -10.88 7.74
C ASP A 89 -17.12 -11.04 8.70
N ARG A 90 -17.63 -9.92 9.22
CA ARG A 90 -18.61 -9.98 10.30
C ARG A 90 -19.94 -9.29 10.03
N VAL A 91 -20.00 -8.48 8.97
CA VAL A 91 -21.22 -7.73 8.68
C VAL A 91 -21.69 -7.85 7.23
N PHE A 92 -20.85 -7.41 6.29
CA PHE A 92 -21.27 -7.26 4.90
C PHE A 92 -21.05 -8.49 4.01
N GLY A 93 -19.92 -9.16 4.20
CA GLY A 93 -19.48 -10.17 3.25
C GLY A 93 -18.54 -9.52 2.27
N THR A 94 -17.67 -10.30 1.66
CA THR A 94 -16.65 -9.74 0.78
C THR A 94 -17.23 -9.16 -0.52
N SER A 95 -18.31 -9.74 -1.01
CA SER A 95 -18.92 -9.27 -2.26
C SER A 95 -19.60 -7.92 -2.07
N ARG A 96 -20.31 -7.77 -0.96
CA ARG A 96 -20.99 -6.51 -0.66
C ARG A 96 -19.98 -5.41 -0.31
N ALA A 97 -18.90 -5.78 0.38
CA ALA A 97 -17.86 -4.83 0.75
C ALA A 97 -17.13 -4.30 -0.48
N VAL A 98 -16.91 -5.18 -1.46
CA VAL A 98 -16.29 -4.79 -2.72
C VAL A 98 -17.20 -3.82 -3.49
N PHE A 99 -18.49 -4.12 -3.52
CA PHE A 99 -19.47 -3.28 -4.19
C PHE A 99 -19.54 -1.89 -3.56
N TYR A 100 -19.83 -1.85 -2.26
CA TYR A 100 -19.92 -0.59 -1.52
C TYR A 100 -18.61 0.19 -1.58
N GLY A 101 -17.50 -0.54 -1.48
CA GLY A 101 -16.19 0.07 -1.56
C GLY A 101 -15.96 0.75 -2.90
N GLY A 102 -16.35 0.07 -3.97
CA GLY A 102 -16.22 0.60 -5.31
C GLY A 102 -17.00 1.89 -5.52
N LEU A 103 -18.19 1.97 -4.91
CA LEU A 103 -19.02 3.16 -5.00
C LEU A 103 -18.36 4.35 -4.33
N LEU A 104 -17.89 4.15 -3.10
CA LEU A 104 -17.23 5.20 -2.35
C LEU A 104 -15.97 5.68 -3.05
N ILE A 105 -15.22 4.73 -3.62
CA ILE A 105 -14.01 5.05 -4.35
C ILE A 105 -14.32 5.88 -5.59
N MET A 106 -15.29 5.42 -6.38
CA MET A 106 -15.68 6.13 -7.59
C MET A 106 -16.21 7.52 -7.27
N ALA A 107 -16.93 7.63 -6.15
CA ALA A 107 -17.41 8.93 -5.70
C ALA A 107 -16.25 9.82 -5.29
N GLY A 108 -15.20 9.19 -4.75
CA GLY A 108 -14.01 9.92 -4.35
C GLY A 108 -13.30 10.57 -5.53
N HIS A 109 -13.16 9.81 -6.62
CA HIS A 109 -12.52 10.32 -7.82
C HIS A 109 -13.32 11.44 -8.47
N ILE A 110 -14.65 11.28 -8.51
CA ILE A 110 -15.54 12.28 -9.06
C ILE A 110 -15.36 13.63 -8.34
N ALA A 111 -15.20 13.58 -7.03
CA ALA A 111 -14.99 14.78 -6.22
C ALA A 111 -13.73 15.54 -6.63
N LEU A 112 -12.79 14.84 -7.26
CA LEU A 112 -11.59 15.49 -7.79
C LEU A 112 -11.76 15.86 -9.26
N ALA A 113 -12.62 15.13 -9.95
CA ALA A 113 -12.86 15.37 -11.38
C ALA A 113 -13.67 16.63 -11.59
N ILE A 114 -14.65 16.86 -10.72
CA ILE A 114 -15.47 18.07 -10.79
C ILE A 114 -14.67 19.27 -10.30
N PRO A 115 -15.03 20.47 -10.78
CA PRO A 115 -14.37 21.70 -10.32
C PRO A 115 -14.48 21.89 -8.81
N GLY A 116 -13.34 22.00 -8.14
CA GLY A 116 -13.31 22.18 -6.70
C GLY A 116 -11.93 22.59 -6.21
N GLY A 117 -11.77 22.65 -4.90
CA GLY A 117 -10.50 23.08 -4.32
C GLY A 117 -10.02 22.19 -3.18
N VAL A 118 -9.47 22.81 -2.14
CA VAL A 118 -8.93 22.09 -0.99
C VAL A 118 -9.97 21.23 -0.28
N ALA A 119 -11.16 21.78 -0.10
CA ALA A 119 -12.26 21.05 0.53
C ALA A 119 -12.63 19.81 -0.29
N ALA A 120 -12.52 19.92 -1.61
CA ALA A 120 -12.80 18.80 -2.49
C ALA A 120 -11.75 17.70 -2.34
N LEU A 121 -10.52 18.11 -2.02
CA LEU A 121 -9.42 17.17 -1.83
C LEU A 121 -9.66 16.32 -0.58
N PHE A 122 -9.98 16.99 0.52
CA PHE A 122 -10.27 16.33 1.79
C PHE A 122 -11.40 15.30 1.64
N VAL A 123 -12.50 15.73 1.02
CA VAL A 123 -13.63 14.84 0.78
C VAL A 123 -13.23 13.64 -0.08
N SER A 124 -12.49 13.90 -1.15
CA SER A 124 -12.05 12.83 -2.05
C SER A 124 -11.22 11.77 -1.34
N MET A 125 -10.22 12.21 -0.58
CA MET A 125 -9.36 11.31 0.17
C MET A 125 -10.15 10.45 1.15
N ALA A 126 -11.05 11.08 1.89
CA ALA A 126 -11.88 10.38 2.87
C ALA A 126 -12.71 9.28 2.22
N LEU A 127 -13.35 9.61 1.10
CA LEU A 127 -14.16 8.64 0.37
C LEU A 127 -13.31 7.48 -0.15
N ILE A 128 -12.15 7.81 -0.71
CA ILE A 128 -11.26 6.80 -1.26
C ILE A 128 -10.66 5.91 -0.16
N VAL A 129 -10.29 6.53 0.96
CA VAL A 129 -9.77 5.77 2.10
C VAL A 129 -10.80 4.74 2.59
N LEU A 130 -12.01 5.20 2.86
CA LEU A 130 -13.09 4.33 3.32
C LEU A 130 -13.43 3.26 2.29
N GLY A 131 -13.47 3.66 1.02
CA GLY A 131 -13.80 2.76 -0.06
C GLY A 131 -12.75 1.69 -0.29
N THR A 132 -11.48 2.10 -0.26
CA THR A 132 -10.37 1.19 -0.49
C THR A 132 -10.26 0.17 0.63
N GLY A 133 -10.58 0.59 1.86
CA GLY A 133 -10.57 -0.29 3.00
C GLY A 133 -11.57 -1.42 2.86
N LEU A 134 -12.62 -1.18 2.11
CA LEU A 134 -13.66 -2.19 1.86
C LEU A 134 -13.33 -3.01 0.62
N LEU A 135 -12.67 -2.38 -0.34
CA LEU A 135 -12.33 -3.02 -1.61
C LEU A 135 -11.09 -3.90 -1.48
N LYS A 136 -9.95 -3.27 -1.19
CA LYS A 136 -8.64 -3.90 -1.27
C LYS A 136 -8.47 -5.24 -0.55
N PRO A 137 -8.76 -5.31 0.76
CA PRO A 137 -8.43 -6.56 1.45
C PRO A 137 -9.44 -7.67 1.20
N ASN A 138 -10.62 -7.34 0.69
CA ASN A 138 -11.70 -8.31 0.55
C ASN A 138 -11.80 -8.95 -0.83
N VAL A 139 -11.27 -8.27 -1.84
CA VAL A 139 -11.36 -8.74 -3.21
C VAL A 139 -10.59 -10.05 -3.42
N SER A 140 -9.54 -10.25 -2.65
CA SER A 140 -8.73 -11.46 -2.73
C SER A 140 -9.49 -12.67 -2.18
N SER A 141 -10.35 -12.44 -1.20
CA SER A 141 -11.11 -13.50 -0.56
C SER A 141 -12.12 -14.11 -1.53
N ILE A 142 -12.60 -13.30 -2.47
CA ILE A 142 -13.60 -13.76 -3.44
C ILE A 142 -13.00 -14.76 -4.42
N VAL A 143 -11.76 -14.51 -4.84
CA VAL A 143 -11.09 -15.40 -5.78
C VAL A 143 -10.78 -16.77 -5.16
N GLY A 144 -10.54 -16.76 -3.85
CA GLY A 144 -10.29 -18.00 -3.13
C GLY A 144 -11.52 -18.89 -3.07
N ASP A 145 -12.69 -18.26 -3.06
CA ASP A 145 -13.95 -18.99 -3.00
C ASP A 145 -14.26 -19.72 -4.31
N MET A 146 -13.60 -19.32 -5.39
CA MET A 146 -13.83 -19.92 -6.70
C MET A 146 -13.24 -21.32 -6.80
N TYR A 147 -12.13 -21.53 -6.12
CA TYR A 147 -11.41 -22.80 -6.19
C TYR A 147 -11.77 -23.72 -5.03
N LYS A 148 -12.30 -24.89 -5.35
CA LYS A 148 -12.65 -25.88 -4.35
C LYS A 148 -11.40 -26.42 -3.66
N PRO A 149 -11.55 -26.97 -2.44
CA PRO A 149 -10.43 -27.60 -1.75
C PRO A 149 -9.78 -28.70 -2.59
N GLY A 150 -8.52 -28.53 -2.93
CA GLY A 150 -7.81 -29.52 -3.72
C GLY A 150 -7.52 -29.05 -5.13
N ASP A 151 -8.21 -27.99 -5.56
CA ASP A 151 -8.02 -27.45 -6.89
C ASP A 151 -6.63 -26.83 -7.00
N ASP A 152 -5.78 -27.43 -7.82
CA ASP A 152 -4.38 -27.03 -7.88
C ASP A 152 -4.16 -25.74 -8.69
N ARG A 153 -5.23 -25.24 -9.32
CA ARG A 153 -5.14 -24.02 -10.10
C ARG A 153 -5.22 -22.79 -9.21
N ARG A 154 -5.33 -23.00 -7.91
CA ARG A 154 -5.52 -21.91 -6.95
C ARG A 154 -4.36 -20.93 -6.97
N ASP A 155 -3.15 -21.44 -6.75
CA ASP A 155 -1.96 -20.59 -6.69
C ASP A 155 -1.72 -19.82 -8.00
N ALA A 156 -1.97 -20.48 -9.12
CA ALA A 156 -1.84 -19.84 -10.43
C ALA A 156 -2.93 -18.80 -10.61
N GLY A 157 -4.10 -19.06 -10.01
CA GLY A 157 -5.21 -18.13 -10.07
C GLY A 157 -4.91 -16.81 -9.41
N PHE A 158 -4.37 -16.88 -8.19
CA PHE A 158 -3.96 -15.68 -7.47
C PHE A 158 -2.86 -14.94 -8.21
N SER A 159 -1.92 -15.71 -8.78
CA SER A 159 -0.80 -15.14 -9.52
C SER A 159 -1.26 -14.27 -10.69
N ILE A 160 -2.28 -14.73 -11.40
CA ILE A 160 -2.87 -13.96 -12.49
C ILE A 160 -3.61 -12.75 -11.92
N PHE A 161 -4.30 -12.95 -10.81
CA PHE A 161 -5.05 -11.89 -10.15
C PHE A 161 -4.16 -10.75 -9.67
N TYR A 162 -3.10 -11.09 -8.94
CA TYR A 162 -2.20 -10.07 -8.39
C TYR A 162 -1.35 -9.40 -9.47
N MET A 163 -1.35 -9.98 -10.67
CA MET A 163 -0.59 -9.42 -11.78
C MET A 163 -1.22 -8.12 -12.26
N GLY A 164 -2.52 -7.95 -11.98
CA GLY A 164 -3.23 -6.76 -12.38
C GLY A 164 -2.82 -5.52 -11.61
N ILE A 165 -2.32 -5.73 -10.38
CA ILE A 165 -1.87 -4.63 -9.54
C ILE A 165 -0.73 -3.86 -10.20
N ASN A 166 0.36 -4.56 -10.51
CA ASN A 166 1.49 -3.95 -11.19
C ASN A 166 1.15 -3.48 -12.59
N LEU A 167 0.22 -4.18 -13.24
CA LEU A 167 -0.23 -3.82 -14.58
C LEU A 167 -0.95 -2.46 -14.55
N GLY A 168 -1.83 -2.30 -13.57
CA GLY A 168 -2.51 -1.04 -13.37
C GLY A 168 -1.56 0.06 -12.90
N ALA A 169 -0.62 -0.32 -12.03
CA ALA A 169 0.36 0.61 -11.50
C ALA A 169 1.32 1.11 -12.57
N PHE A 170 1.47 0.33 -13.64
CA PHE A 170 2.36 0.68 -14.74
C PHE A 170 1.65 1.56 -15.78
N LEU A 171 0.47 1.14 -16.20
CA LEU A 171 -0.26 1.83 -17.26
C LEU A 171 -0.81 3.20 -16.83
N ALA A 172 -1.33 3.26 -15.61
CA ALA A 172 -2.01 4.46 -15.11
C ALA A 172 -1.22 5.77 -15.18
N PRO A 173 0.05 5.79 -14.72
CA PRO A 173 0.78 7.06 -14.81
C PRO A 173 1.06 7.47 -16.25
N LEU A 174 1.00 6.52 -17.17
CA LEU A 174 1.24 6.81 -18.58
C LEU A 174 -0.05 7.30 -19.26
N VAL A 175 -1.19 6.98 -18.66
CA VAL A 175 -2.47 7.38 -19.22
C VAL A 175 -3.07 8.56 -18.45
N VAL A 176 -3.25 8.36 -17.15
CA VAL A 176 -3.79 9.41 -16.29
C VAL A 176 -2.78 10.55 -16.10
N GLY A 177 -1.51 10.18 -15.90
CA GLY A 177 -0.46 11.15 -15.73
C GLY A 177 -0.27 12.01 -16.97
N THR A 178 -0.33 11.40 -18.13
CA THR A 178 -0.18 12.12 -19.39
C THR A 178 -1.30 13.14 -19.58
N ALA A 179 -2.54 12.68 -19.45
CA ALA A 179 -3.71 13.54 -19.64
C ALA A 179 -3.80 14.63 -18.59
N GLY A 180 -3.40 14.31 -17.36
CA GLY A 180 -3.46 15.26 -16.27
C GLY A 180 -2.43 16.37 -16.38
N MET A 181 -1.19 16.00 -16.66
CA MET A 181 -0.09 16.96 -16.70
C MET A 181 -0.06 17.78 -17.99
N LYS A 182 -0.30 17.13 -19.12
CA LYS A 182 -0.22 17.81 -20.41
C LYS A 182 -1.44 18.69 -20.70
N TYR A 183 -2.62 18.21 -20.31
CA TYR A 183 -3.86 18.93 -20.64
C TYR A 183 -4.49 19.59 -19.41
N ASN A 184 -5.09 18.79 -18.54
CA ASN A 184 -5.79 19.34 -17.38
C ASN A 184 -5.85 18.32 -16.24
N PHE A 185 -5.65 18.80 -15.01
CA PHE A 185 -5.65 17.94 -13.83
C PHE A 185 -6.98 17.22 -13.65
N HIS A 186 -8.08 17.95 -13.82
CA HIS A 186 -9.41 17.39 -13.62
C HIS A 186 -9.73 16.33 -14.67
N LEU A 187 -9.14 16.46 -15.85
CA LEU A 187 -9.31 15.46 -16.90
C LEU A 187 -8.66 14.14 -16.48
N GLY A 188 -7.47 14.24 -15.90
CA GLY A 188 -6.78 13.07 -15.39
C GLY A 188 -7.56 12.42 -14.26
N PHE A 189 -8.09 13.25 -13.37
CA PHE A 189 -8.94 12.77 -12.29
C PHE A 189 -10.21 12.13 -12.86
N GLY A 190 -10.67 12.68 -13.98
CA GLY A 190 -11.85 12.15 -14.65
C GLY A 190 -11.63 10.78 -15.22
N LEU A 191 -10.44 10.56 -15.79
CA LEU A 191 -10.09 9.26 -16.35
C LEU A 191 -9.94 8.22 -15.26
N ALA A 192 -9.55 8.67 -14.06
CA ALA A 192 -9.48 7.79 -12.90
C ALA A 192 -10.89 7.34 -12.51
N ALA A 193 -11.83 8.27 -12.58
CA ALA A 193 -13.23 7.98 -12.27
C ALA A 193 -13.83 7.02 -13.29
N VAL A 194 -13.54 7.27 -14.56
CA VAL A 194 -14.02 6.41 -15.63
C VAL A 194 -13.42 5.01 -15.50
N GLY A 195 -12.13 4.96 -15.13
CA GLY A 195 -11.44 3.71 -14.94
C GLY A 195 -12.09 2.85 -13.86
N MET A 196 -12.31 3.45 -12.70
CA MET A 196 -12.98 2.76 -11.59
C MET A 196 -14.40 2.35 -11.97
N PHE A 197 -15.05 3.19 -12.76
CA PHE A 197 -16.40 2.93 -13.23
C PHE A 197 -16.47 1.62 -14.01
N LEU A 198 -15.47 1.40 -14.85
CA LEU A 198 -15.37 0.16 -15.61
C LEU A 198 -15.22 -1.04 -14.67
N GLY A 199 -14.56 -0.80 -13.53
CA GLY A 199 -14.40 -1.83 -12.52
C GLY A 199 -15.75 -2.22 -11.95
N LEU A 200 -16.56 -1.20 -11.62
CA LEU A 200 -17.91 -1.44 -11.11
C LEU A 200 -18.79 -2.11 -12.15
N VAL A 201 -18.66 -1.66 -13.39
CA VAL A 201 -19.47 -2.20 -14.49
C VAL A 201 -19.25 -3.70 -14.69
N VAL A 202 -17.98 -4.09 -14.84
CA VAL A 202 -17.63 -5.50 -15.00
C VAL A 202 -18.07 -6.32 -13.80
N PHE A 203 -17.83 -5.79 -12.60
CA PHE A 203 -18.16 -6.49 -11.37
C PHE A 203 -19.66 -6.71 -11.23
N VAL A 204 -20.42 -5.63 -11.13
CA VAL A 204 -21.87 -5.68 -10.93
C VAL A 204 -22.60 -6.53 -11.97
N ALA A 205 -22.26 -6.33 -13.23
CA ALA A 205 -22.97 -6.98 -14.33
C ALA A 205 -22.72 -8.48 -14.43
N THR A 206 -21.52 -8.92 -14.05
CA THR A 206 -21.11 -10.29 -14.29
C THR A 206 -20.98 -11.16 -13.03
N ARG A 207 -21.01 -10.55 -11.86
CA ARG A 207 -20.73 -11.28 -10.62
C ARG A 207 -21.79 -12.33 -10.28
N LYS A 208 -23.03 -12.09 -10.65
CA LYS A 208 -24.12 -13.02 -10.34
C LYS A 208 -23.93 -14.34 -11.07
N LYS A 209 -23.51 -14.27 -12.33
CA LYS A 209 -23.37 -15.45 -13.16
C LYS A 209 -21.98 -16.08 -13.07
N ASN A 210 -20.96 -15.26 -12.81
CA ASN A 210 -19.58 -15.73 -12.78
C ASN A 210 -19.09 -16.12 -11.38
N LEU A 211 -19.58 -15.44 -10.35
CA LEU A 211 -19.10 -15.65 -8.99
C LEU A 211 -20.05 -16.49 -8.14
N GLY A 212 -21.33 -16.45 -8.45
CA GLY A 212 -22.32 -17.24 -7.75
C GLY A 212 -22.42 -16.93 -6.27
N LEU A 213 -22.16 -17.95 -5.44
CA LEU A 213 -22.26 -17.79 -3.99
C LEU A 213 -21.03 -17.12 -3.38
N ALA A 214 -19.98 -16.98 -4.18
CA ALA A 214 -18.71 -16.46 -3.68
C ALA A 214 -18.83 -15.05 -3.11
N GLY A 215 -18.59 -14.92 -1.81
CA GLY A 215 -18.59 -13.63 -1.15
C GLY A 215 -19.95 -13.08 -0.79
N THR A 216 -21.00 -13.79 -1.19
CA THR A 216 -22.37 -13.32 -0.97
C THR A 216 -22.87 -13.66 0.44
N TYR A 217 -21.99 -14.26 1.24
CA TYR A 217 -22.37 -14.69 2.58
C TYR A 217 -21.53 -13.97 3.64
N VAL A 218 -22.00 -14.00 4.88
CA VAL A 218 -21.24 -13.46 6.00
C VAL A 218 -20.56 -14.59 6.75
N PRO A 219 -19.23 -14.71 6.60
CA PRO A 219 -18.43 -15.79 7.18
C PRO A 219 -18.58 -15.91 8.69
N ASN A 220 -18.54 -14.78 9.40
CA ASN A 220 -18.64 -14.79 10.85
C ASN A 220 -19.65 -13.74 11.35
N PRO A 221 -20.95 -14.07 11.27
CA PRO A 221 -22.02 -13.13 11.60
C PRO A 221 -22.00 -12.67 13.05
N LEU A 222 -22.72 -11.59 13.34
CA LEU A 222 -22.73 -10.98 14.65
C LEU A 222 -23.94 -11.44 15.47
N THR A 223 -23.68 -12.04 16.64
CA THR A 223 -24.75 -12.47 17.54
C THR A 223 -25.50 -11.25 18.07
N PRO A 224 -26.79 -11.44 18.43
CA PRO A 224 -27.62 -10.36 18.98
C PRO A 224 -26.96 -9.67 20.18
N ALA A 225 -26.18 -10.42 20.96
CA ALA A 225 -25.47 -9.85 22.10
C ALA A 225 -24.31 -8.98 21.61
N GLU A 226 -23.58 -9.48 20.61
CA GLU A 226 -22.45 -8.75 20.05
C GLU A 226 -22.90 -7.49 19.30
N LYS A 227 -24.05 -7.58 18.63
CA LYS A 227 -24.61 -6.43 17.92
C LYS A 227 -24.97 -5.32 18.89
N LYS A 228 -25.46 -5.71 20.07
CA LYS A 228 -25.78 -4.74 21.11
C LYS A 228 -24.51 -4.14 21.69
N LYS A 229 -23.46 -4.97 21.78
CA LYS A 229 -22.19 -4.52 22.31
C LYS A 229 -21.43 -3.68 21.29
N ALA A 230 -21.62 -3.99 20.01
CA ALA A 230 -20.96 -3.25 18.94
C ALA A 230 -21.53 -1.84 18.81
N ALA A 231 -22.85 -1.73 18.95
CA ALA A 231 -23.53 -0.44 18.87
C ALA A 231 -23.19 0.41 20.09
N ALA A 232 -22.94 -0.26 21.22
CA ALA A 232 -22.53 0.42 22.43
C ALA A 232 -21.17 1.07 22.24
N ILE A 233 -20.30 0.39 21.48
CA ILE A 233 -19.00 0.93 21.13
C ILE A 233 -19.15 2.15 20.23
N MET A 234 -20.03 2.04 19.23
CA MET A 234 -20.27 3.13 18.30
C MET A 234 -20.90 4.34 18.98
N ALA A 235 -21.76 4.09 19.96
CA ALA A 235 -22.39 5.17 20.71
C ALA A 235 -21.37 5.91 21.56
N VAL A 236 -20.53 5.15 22.25
CA VAL A 236 -19.46 5.73 23.06
C VAL A 236 -18.44 6.46 22.18
N GLY A 237 -18.05 5.80 21.09
CA GLY A 237 -17.09 6.37 20.16
C GLY A 237 -17.60 7.66 19.53
N ALA A 238 -18.91 7.73 19.30
CA ALA A 238 -19.52 8.93 18.74
C ALA A 238 -19.52 10.06 19.75
N VAL A 239 -19.70 9.72 21.01
CA VAL A 239 -19.66 10.70 22.08
C VAL A 239 -18.25 11.26 22.24
N VAL A 240 -17.26 10.38 22.12
CA VAL A 240 -15.86 10.77 22.17
C VAL A 240 -15.52 11.67 20.99
N ILE A 241 -16.01 11.30 19.81
CA ILE A 241 -15.77 12.07 18.60
C ILE A 241 -16.41 13.45 18.69
N ALA A 242 -17.48 13.56 19.46
CA ALA A 242 -18.17 14.83 19.65
C ALA A 242 -17.39 15.73 20.60
N VAL A 243 -16.78 15.13 21.60
CA VAL A 243 -15.97 15.86 22.56
C VAL A 243 -14.71 16.42 21.89
N LEU A 244 -14.10 15.61 21.03
CA LEU A 244 -12.89 16.03 20.33
C LEU A 244 -13.13 17.22 19.41
N LEU A 245 -14.21 17.15 18.63
CA LEU A 245 -14.57 18.24 17.71
C LEU A 245 -14.88 19.52 18.49
N ALA A 246 -15.42 19.37 19.69
CA ALA A 246 -15.77 20.50 20.54
C ALA A 246 -14.54 21.15 21.17
N ILE A 247 -13.43 20.41 21.18
CA ILE A 247 -12.20 20.92 21.77
C ILE A 247 -11.25 21.47 20.71
N LEU A 248 -11.11 20.76 19.61
CA LEU A 248 -10.16 21.11 18.56
C LEU A 248 -10.60 22.32 17.73
N ILE A 249 -11.89 22.36 17.38
CA ILE A 249 -12.41 23.42 16.51
C ILE A 249 -12.26 24.86 17.06
N PRO A 250 -12.72 25.12 18.30
CA PRO A 250 -12.56 26.50 18.78
C PRO A 250 -11.10 26.88 19.04
N ASN A 251 -10.28 25.88 19.34
CA ASN A 251 -8.84 26.11 19.53
C ASN A 251 -8.12 26.30 18.20
N GLY A 252 -8.77 25.86 17.12
CA GLY A 252 -8.16 25.93 15.80
C GLY A 252 -7.15 24.81 15.61
N TRP A 253 -7.26 23.78 16.46
CA TRP A 253 -6.35 22.64 16.41
C TRP A 253 -6.88 21.56 15.48
N PHE A 254 -8.08 21.76 14.95
CA PHE A 254 -8.66 20.83 13.98
C PHE A 254 -8.14 21.16 12.58
N THR A 255 -6.88 20.82 12.33
CA THR A 255 -6.25 21.10 11.06
C THR A 255 -5.61 19.84 10.49
N VAL A 256 -5.15 19.93 9.23
CA VAL A 256 -4.50 18.81 8.59
C VAL A 256 -3.12 18.55 9.21
N GLU A 257 -2.48 19.62 9.68
CA GLU A 257 -1.18 19.51 10.31
C GLU A 257 -1.26 18.66 11.58
N THR A 258 -2.32 18.86 12.35
CA THR A 258 -2.54 18.09 13.57
C THR A 258 -2.80 16.62 13.24
N PHE A 259 -3.57 16.39 12.19
CA PHE A 259 -3.92 15.04 11.76
C PHE A 259 -2.68 14.26 11.32
N ILE A 260 -1.80 14.94 10.58
CA ILE A 260 -0.55 14.33 10.15
C ILE A 260 0.31 13.93 11.35
N SER A 261 0.41 14.83 12.32
CA SER A 261 1.16 14.58 13.53
C SER A 261 0.60 13.37 14.29
N LEU A 262 -0.72 13.29 14.37
CA LEU A 262 -1.39 12.17 15.04
C LEU A 262 -1.06 10.85 14.36
N VAL A 263 -1.06 10.87 13.03
CA VAL A 263 -0.72 9.69 12.24
C VAL A 263 0.74 9.30 12.50
N GLY A 264 1.61 10.30 12.57
CA GLY A 264 3.01 10.08 12.85
C GLY A 264 3.24 9.41 14.20
N ILE A 265 2.51 9.90 15.21
CA ILE A 265 2.61 9.34 16.55
C ILE A 265 2.13 7.89 16.57
N LEU A 266 1.01 7.62 15.89
CA LEU A 266 0.48 6.27 15.79
C LEU A 266 1.43 5.35 15.05
N GLY A 267 2.22 5.92 14.15
CA GLY A 267 3.19 5.16 13.37
C GLY A 267 4.29 4.57 14.24
N ILE A 268 4.51 5.17 15.40
CA ILE A 268 5.52 4.68 16.33
C ILE A 268 4.88 3.97 17.51
N ILE A 269 3.80 4.55 18.03
CA ILE A 269 3.13 4.03 19.22
C ILE A 269 2.47 2.67 19.01
N ILE A 270 1.68 2.57 17.95
CA ILE A 270 0.95 1.33 17.64
C ILE A 270 1.84 0.09 17.45
N PRO A 271 2.93 0.20 16.66
CA PRO A 271 3.81 -0.97 16.56
C PRO A 271 4.40 -1.39 17.90
N ILE A 272 4.77 -0.41 18.74
CA ILE A 272 5.32 -0.71 20.05
C ILE A 272 4.33 -1.49 20.92
N ILE A 273 3.09 -1.02 20.95
CA ILE A 273 2.04 -1.65 21.72
C ILE A 273 1.76 -3.08 21.25
N TYR A 274 1.80 -3.28 19.94
CA TYR A 274 1.52 -4.60 19.36
C TYR A 274 2.58 -5.62 19.73
N PHE A 275 3.84 -5.18 19.80
CA PHE A 275 4.94 -6.06 20.19
C PHE A 275 4.85 -6.45 21.65
N VAL A 276 4.40 -5.52 22.49
CA VAL A 276 4.21 -5.79 23.91
C VAL A 276 3.08 -6.79 24.12
N VAL A 277 1.99 -6.62 23.36
CA VAL A 277 0.84 -7.51 23.43
C VAL A 277 1.23 -8.94 23.07
N MET A 278 1.94 -9.10 21.95
CA MET A 278 2.38 -10.42 21.50
C MET A 278 3.33 -11.06 22.50
N TYR A 279 4.22 -10.24 23.08
CA TYR A 279 5.20 -10.74 24.04
C TYR A 279 4.53 -11.13 25.35
N ARG A 280 3.61 -10.30 25.82
CA ARG A 280 2.98 -10.52 27.12
C ARG A 280 1.64 -11.23 27.01
N SER A 281 1.35 -11.79 25.84
CA SER A 281 0.13 -12.56 25.67
C SER A 281 0.23 -13.87 26.46
N PRO A 282 -0.85 -14.22 27.19
CA PRO A 282 -0.84 -15.36 28.11
C PRO A 282 -0.65 -16.70 27.42
N LYS A 283 -1.00 -16.78 26.14
CA LYS A 283 -0.92 -18.05 25.41
C LYS A 283 0.40 -18.19 24.65
N THR A 284 1.33 -17.28 24.89
CA THR A 284 2.62 -17.31 24.20
C THR A 284 3.69 -17.99 25.05
N THR A 285 4.29 -19.04 24.50
CA THR A 285 5.30 -19.82 25.21
C THR A 285 6.62 -19.08 25.32
N ALA A 286 7.57 -19.67 26.04
CA ALA A 286 8.88 -19.07 26.24
C ALA A 286 9.67 -19.02 24.94
N GLU A 287 9.51 -20.03 24.10
CA GLU A 287 10.16 -20.05 22.80
C GLU A 287 9.61 -18.96 21.89
N GLU A 288 8.30 -18.71 22.00
CA GLU A 288 7.63 -17.73 21.16
C GLU A 288 8.02 -16.29 21.53
N ARG A 289 8.30 -16.06 22.81
CA ARG A 289 8.73 -14.74 23.26
C ARG A 289 10.11 -14.41 22.70
N SER A 290 10.96 -15.42 22.59
CA SER A 290 12.28 -15.25 22.02
C SER A 290 12.17 -14.94 20.53
N ARG A 291 11.14 -15.49 19.89
CA ARG A 291 10.90 -15.25 18.48
C ARG A 291 10.31 -13.86 18.24
N VAL A 292 9.67 -13.31 19.26
CA VAL A 292 9.14 -11.96 19.19
C VAL A 292 10.30 -10.95 19.20
N ILE A 293 11.26 -11.17 20.08
CA ILE A 293 12.46 -10.34 20.16
C ILE A 293 13.23 -10.41 18.84
N ALA A 294 13.31 -11.61 18.28
CA ALA A 294 14.04 -11.82 17.03
C ALA A 294 13.35 -11.13 15.84
N TYR A 295 12.05 -10.89 15.97
CA TYR A 295 11.29 -10.27 14.89
C TYR A 295 11.43 -8.75 14.90
N ILE A 296 11.83 -8.19 16.04
CA ILE A 296 12.00 -6.75 16.18
C ILE A 296 12.96 -6.12 15.15
N PRO A 297 14.18 -6.69 14.98
CA PRO A 297 15.07 -6.09 13.99
C PRO A 297 14.54 -6.21 12.55
N LEU A 298 13.78 -7.27 12.28
CA LEU A 298 13.22 -7.50 10.96
C LEU A 298 12.09 -6.51 10.66
N PHE A 299 11.37 -6.11 11.69
CA PHE A 299 10.29 -5.13 11.54
C PHE A 299 10.89 -3.76 11.28
N VAL A 300 11.91 -3.40 12.06
CA VAL A 300 12.60 -2.12 11.92
C VAL A 300 13.23 -1.99 10.54
N ALA A 301 13.84 -3.08 10.07
CA ALA A 301 14.48 -3.09 8.76
C ALA A 301 13.45 -2.94 7.65
N SER A 302 12.33 -3.65 7.79
CA SER A 302 11.24 -3.57 6.81
C SER A 302 10.69 -2.15 6.73
N ALA A 303 10.41 -1.57 7.90
CA ALA A 303 9.90 -0.21 7.97
C ALA A 303 10.88 0.78 7.34
N MET A 304 12.17 0.60 7.63
CA MET A 304 13.20 1.46 7.07
C MET A 304 13.28 1.30 5.56
N PHE A 305 13.02 0.09 5.09
CA PHE A 305 13.02 -0.16 3.65
C PHE A 305 11.84 0.53 2.96
N TRP A 306 10.63 0.29 3.48
CA TRP A 306 9.43 0.88 2.90
C TRP A 306 9.44 2.39 3.03
N ALA A 307 10.19 2.91 4.00
CA ALA A 307 10.35 4.35 4.17
C ALA A 307 10.98 4.94 2.92
N ILE A 308 12.05 4.29 2.45
CA ILE A 308 12.75 4.72 1.25
C ILE A 308 11.93 4.43 -0.01
N GLN A 309 11.34 3.24 -0.06
CA GLN A 309 10.58 2.81 -1.22
C GLN A 309 9.38 3.71 -1.48
N GLN A 310 8.64 4.03 -0.43
CA GLN A 310 7.43 4.85 -0.56
C GLN A 310 7.72 6.31 -0.85
N GLN A 311 8.97 6.73 -0.63
CA GLN A 311 9.38 8.09 -0.93
C GLN A 311 9.57 8.29 -2.42
N GLY A 312 9.52 7.18 -3.17
CA GLY A 312 9.60 7.23 -4.62
C GLY A 312 8.35 7.86 -5.22
N SER A 313 7.28 7.89 -4.44
CA SER A 313 6.02 8.47 -4.89
C SER A 313 5.76 9.82 -4.23
N THR A 314 6.68 10.26 -3.38
CA THR A 314 6.56 11.56 -2.73
C THR A 314 7.80 12.42 -2.98
N ILE A 315 8.86 12.15 -2.23
CA ILE A 315 10.12 12.90 -2.36
C ILE A 315 10.68 12.83 -3.79
N LEU A 316 10.72 11.61 -4.34
CA LEU A 316 11.26 11.42 -5.68
C LEU A 316 10.33 11.95 -6.76
N ALA A 317 9.04 11.98 -6.46
CA ALA A 317 8.06 12.58 -7.37
C ALA A 317 8.35 14.06 -7.52
N ASN A 318 8.63 14.72 -6.38
CA ASN A 318 8.98 16.12 -6.38
C ASN A 318 10.35 16.36 -7.03
N TYR A 319 11.25 15.39 -6.89
CA TYR A 319 12.58 15.47 -7.48
C TYR A 319 12.47 15.49 -9.01
N ALA A 320 11.54 14.69 -9.53
CA ALA A 320 11.32 14.62 -10.97
C ALA A 320 10.71 15.91 -11.51
N ASP A 321 10.03 16.65 -10.62
CA ASP A 321 9.32 17.85 -11.01
C ASP A 321 10.18 19.11 -10.88
N LYS A 322 11.14 19.07 -9.95
CA LYS A 322 11.93 20.26 -9.63
C LYS A 322 13.40 20.13 -10.02
N ARG A 323 13.99 18.96 -9.76
CA ARG A 323 15.44 18.80 -9.90
C ARG A 323 15.88 17.96 -11.10
N THR A 324 14.91 17.55 -11.93
CA THR A 324 15.21 16.63 -13.02
C THR A 324 14.97 17.25 -14.39
N GLN A 325 15.92 17.02 -15.30
CA GLN A 325 15.80 17.46 -16.68
C GLN A 325 14.80 16.58 -17.41
N LEU A 326 13.58 17.09 -17.60
CA LEU A 326 12.54 16.34 -18.30
C LEU A 326 12.73 16.37 -19.80
N ASP A 327 13.42 17.42 -20.28
CA ASP A 327 13.68 17.60 -21.71
C ASP A 327 15.00 17.00 -22.14
N VAL A 328 14.96 15.74 -22.57
CA VAL A 328 16.15 15.04 -23.02
C VAL A 328 16.07 14.62 -24.48
N ILE A 331 11.87 13.04 -26.04
CA ILE A 331 11.97 14.49 -26.18
C ILE A 331 11.60 15.20 -24.88
N HIS A 332 10.33 15.19 -24.53
CA HIS A 332 9.86 15.80 -23.29
C HIS A 332 9.19 14.79 -22.39
N LEU A 333 9.78 14.57 -21.22
CA LEU A 333 9.24 13.62 -20.25
C LEU A 333 8.21 14.29 -19.32
N SER A 334 7.25 13.50 -18.87
CA SER A 334 6.31 13.94 -17.85
C SER A 334 6.77 13.44 -16.50
N PRO A 335 6.75 14.31 -15.48
CA PRO A 335 7.24 13.95 -14.14
C PRO A 335 6.46 12.79 -13.51
N ALA A 336 5.22 12.61 -13.93
CA ALA A 336 4.38 11.54 -13.39
C ALA A 336 4.77 10.17 -13.95
N TRP A 337 5.45 10.18 -15.09
CA TRP A 337 5.84 8.94 -15.76
C TRP A 337 6.83 8.10 -14.94
N PHE A 338 7.50 8.73 -13.99
CA PHE A 338 8.48 8.02 -13.16
C PHE A 338 7.83 7.07 -12.17
N GLN A 339 6.51 7.20 -12.00
CA GLN A 339 5.76 6.33 -11.10
C GLN A 339 5.49 4.98 -11.75
N SER A 340 5.84 4.87 -13.03
CA SER A 340 5.65 3.62 -13.77
C SER A 340 6.86 2.71 -13.62
N LEU A 341 7.98 3.29 -13.21
CA LEU A 341 9.25 2.55 -13.13
C LEU A 341 9.22 1.40 -12.12
N ASN A 342 8.73 1.68 -10.92
CA ASN A 342 8.66 0.66 -9.88
C ASN A 342 7.82 -0.57 -10.26
N PRO A 343 6.60 -0.38 -10.80
CA PRO A 343 5.89 -1.58 -11.25
C PRO A 343 6.50 -2.21 -12.50
N LEU A 344 7.12 -1.39 -13.35
CA LEU A 344 7.75 -1.90 -14.58
C LEU A 344 8.93 -2.80 -14.27
N PHE A 345 9.82 -2.32 -13.41
CA PHE A 345 11.02 -3.06 -13.06
C PHE A 345 10.68 -4.33 -12.29
N ILE A 346 9.62 -4.29 -11.50
CA ILE A 346 9.18 -5.48 -10.77
C ILE A 346 8.68 -6.56 -11.72
N ILE A 347 7.84 -6.17 -12.68
CA ILE A 347 7.30 -7.09 -13.66
C ILE A 347 8.41 -7.82 -14.43
N ILE A 348 9.47 -7.10 -14.77
CA ILE A 348 10.57 -7.69 -15.53
C ILE A 348 11.55 -8.48 -14.66
N LEU A 349 11.90 -7.93 -13.51
CA LEU A 349 12.95 -8.51 -12.67
C LEU A 349 12.48 -9.67 -11.79
N ALA A 350 11.19 -9.74 -11.52
CA ALA A 350 10.64 -10.81 -10.67
C ALA A 350 10.91 -12.24 -11.17
N PRO A 351 10.70 -12.50 -12.48
CA PRO A 351 11.05 -13.84 -12.95
C PRO A 351 12.54 -14.13 -12.87
N VAL A 352 13.36 -13.09 -13.05
CA VAL A 352 14.81 -13.22 -12.98
C VAL A 352 15.24 -13.58 -11.57
N PHE A 353 14.67 -12.90 -10.58
CA PHE A 353 14.98 -13.16 -9.18
C PHE A 353 14.56 -14.56 -8.75
N ALA A 354 13.35 -14.95 -9.16
CA ALA A 354 12.81 -16.26 -8.83
C ALA A 354 13.69 -17.36 -9.40
N TRP A 355 14.21 -17.14 -10.60
CA TRP A 355 15.11 -18.08 -11.24
C TRP A 355 16.45 -18.12 -10.52
N MET A 356 16.84 -16.98 -9.95
CA MET A 356 18.11 -16.86 -9.25
C MET A 356 18.12 -17.63 -7.93
N TRP A 357 17.01 -17.59 -7.20
CA TRP A 357 16.92 -18.26 -5.91
C TRP A 357 16.99 -19.78 -6.05
N VAL A 358 16.43 -20.29 -7.13
CA VAL A 358 16.42 -21.73 -7.38
C VAL A 358 17.82 -22.22 -7.75
N LYS A 359 18.50 -21.46 -8.60
CA LYS A 359 19.86 -21.81 -9.01
C LYS A 359 20.84 -21.79 -7.85
N LEU A 360 20.64 -20.86 -6.92
CA LEU A 360 21.45 -20.79 -5.72
C LEU A 360 21.20 -21.99 -4.82
N GLY A 361 19.94 -22.41 -4.73
CA GLY A 361 19.58 -23.56 -3.93
C GLY A 361 19.84 -23.36 -2.46
N LYS A 362 20.71 -24.19 -1.89
CA LYS A 362 21.07 -24.09 -0.49
C LYS A 362 22.06 -22.94 -0.26
N ARG A 363 22.61 -22.42 -1.34
CA ARG A 363 23.57 -21.32 -1.26
C ARG A 363 22.90 -19.96 -1.16
N GLN A 364 21.59 -19.93 -1.40
CA GLN A 364 20.83 -18.68 -1.35
C GLN A 364 20.85 -18.09 0.06
N PRO A 365 20.77 -16.75 0.16
CA PRO A 365 20.74 -16.09 1.47
C PRO A 365 19.51 -16.49 2.27
N THR A 366 19.61 -16.45 3.60
CA THR A 366 18.49 -16.77 4.46
C THR A 366 17.49 -15.62 4.46
N ILE A 367 16.34 -15.82 5.10
CA ILE A 367 15.32 -14.78 5.21
C ILE A 367 15.81 -13.49 5.90
N PRO A 368 16.47 -13.61 7.07
CA PRO A 368 16.98 -12.38 7.68
C PRO A 368 18.02 -11.69 6.81
N GLN A 369 18.81 -12.47 6.09
CA GLN A 369 19.84 -11.92 5.21
C GLN A 369 19.21 -11.21 4.01
N LYS A 370 18.10 -11.75 3.51
CA LYS A 370 17.38 -11.12 2.42
C LYS A 370 16.76 -9.79 2.86
N PHE A 371 16.34 -9.74 4.12
CA PHE A 371 15.87 -8.49 4.71
C PHE A 371 16.99 -7.47 4.70
N ALA A 372 18.18 -7.92 5.06
CA ALA A 372 19.35 -7.04 5.10
C ALA A 372 19.74 -6.58 3.70
N LEU A 373 19.70 -7.49 2.73
CA LEU A 373 20.03 -7.17 1.35
C LEU A 373 19.09 -6.12 0.78
N GLY A 374 17.81 -6.22 1.16
CA GLY A 374 16.82 -5.26 0.71
C GLY A 374 17.10 -3.88 1.25
N LEU A 375 17.56 -3.83 2.50
CA LEU A 375 17.85 -2.57 3.16
C LEU A 375 19.12 -1.93 2.60
N LEU A 376 20.09 -2.77 2.26
CA LEU A 376 21.34 -2.28 1.68
C LEU A 376 21.12 -1.63 0.32
N PHE A 377 20.29 -2.25 -0.50
CA PHE A 377 19.95 -1.70 -1.81
C PHE A 377 19.15 -0.40 -1.67
N ALA A 378 18.26 -0.37 -0.68
CA ALA A 378 17.45 0.82 -0.42
C ALA A 378 18.31 2.03 -0.10
N GLY A 379 19.26 1.84 0.83
CA GLY A 379 20.17 2.90 1.21
C GLY A 379 21.04 3.33 0.05
N LEU A 380 21.44 2.37 -0.77
CA LEU A 380 22.27 2.63 -1.95
C LEU A 380 21.52 3.49 -2.97
N SER A 381 20.21 3.29 -3.06
CA SER A 381 19.39 4.02 -4.02
C SER A 381 19.35 5.52 -3.70
N PHE A 382 19.49 5.85 -2.42
CA PHE A 382 19.54 7.25 -2.02
C PHE A 382 20.94 7.83 -2.19
N ILE A 383 21.95 6.98 -2.07
CA ILE A 383 23.33 7.40 -2.27
C ILE A 383 23.55 7.75 -3.74
N VAL A 384 23.02 6.91 -4.62
CA VAL A 384 23.11 7.14 -6.06
C VAL A 384 22.40 8.43 -6.45
N ILE A 385 21.31 8.75 -5.74
CA ILE A 385 20.46 9.88 -6.10
C ILE A 385 21.03 11.23 -5.66
N LEU A 386 21.88 11.22 -4.64
CA LEU A 386 22.47 12.47 -4.14
C LEU A 386 23.69 12.88 -4.97
N VAL A 387 24.29 11.91 -5.65
CA VAL A 387 25.48 12.15 -6.46
C VAL A 387 25.35 13.19 -7.59
N PRO A 388 24.33 13.04 -8.47
CA PRO A 388 24.29 13.96 -9.62
C PRO A 388 24.03 15.41 -9.23
N GLY A 389 23.41 15.63 -8.08
CA GLY A 389 23.13 16.98 -7.61
C GLY A 389 24.35 17.66 -7.04
N HIS A 390 25.21 16.88 -6.40
CA HIS A 390 26.42 17.40 -5.78
C HIS A 390 27.43 17.84 -6.83
N LEU A 391 27.47 17.11 -7.94
CA LEU A 391 28.41 17.43 -9.01
C LEU A 391 28.00 18.71 -9.75
N GLY A 394 25.02 23.26 -10.82
CA GLY A 394 23.95 23.15 -9.85
C GLY A 394 22.57 23.33 -10.48
N GLY A 395 22.38 22.75 -11.66
CA GLY A 395 21.11 22.83 -12.35
C GLY A 395 20.35 21.53 -12.34
N LEU A 396 19.60 21.27 -13.41
CA LEU A 396 18.82 20.04 -13.53
C LEU A 396 19.72 18.85 -13.80
N VAL A 397 19.46 17.74 -13.10
CA VAL A 397 20.25 16.52 -13.29
C VAL A 397 19.65 15.65 -14.39
N HIS A 398 20.46 14.77 -14.95
CA HIS A 398 19.99 13.85 -15.99
C HIS A 398 19.07 12.81 -15.37
N PRO A 399 17.94 12.52 -16.04
CA PRO A 399 16.93 11.60 -15.53
C PRO A 399 17.42 10.15 -15.39
N ILE A 400 18.57 9.83 -15.97
CA ILE A 400 19.10 8.47 -15.90
C ILE A 400 19.47 8.09 -14.46
N TRP A 401 19.85 9.09 -13.67
CA TRP A 401 20.21 8.86 -12.28
C TRP A 401 18.99 8.54 -11.44
N LEU A 402 17.87 9.19 -11.76
CA LEU A 402 16.62 8.95 -11.05
C LEU A 402 16.06 7.58 -11.38
N VAL A 403 16.15 7.20 -12.66
CA VAL A 403 15.73 5.88 -13.10
C VAL A 403 16.54 4.80 -12.39
N LEU A 404 17.86 5.00 -12.33
CA LEU A 404 18.74 4.07 -11.65
C LEU A 404 18.39 3.94 -10.18
N SER A 405 17.96 5.05 -9.57
CA SER A 405 17.56 5.05 -8.18
C SER A 405 16.36 4.15 -7.95
N TYR A 406 15.36 4.27 -8.82
CA TYR A 406 14.17 3.42 -8.76
C TYR A 406 14.54 1.95 -8.99
N PHE A 407 15.49 1.73 -9.90
CA PHE A 407 15.92 0.39 -10.26
C PHE A 407 16.54 -0.34 -9.08
N ILE A 408 17.42 0.35 -8.36
CA ILE A 408 18.12 -0.23 -7.23
C ILE A 408 17.15 -0.57 -6.08
N VAL A 409 16.13 0.27 -5.91
CA VAL A 409 15.08 0.02 -4.93
C VAL A 409 14.38 -1.30 -5.21
N VAL A 410 14.04 -1.52 -6.46
CA VAL A 410 13.35 -2.74 -6.88
C VAL A 410 14.18 -3.98 -6.59
N LEU A 411 15.49 -3.87 -6.81
CA LEU A 411 16.42 -4.95 -6.47
C LEU A 411 16.30 -5.31 -5.00
N GLY A 412 16.17 -4.30 -4.15
CA GLY A 412 16.01 -4.51 -2.73
C GLY A 412 14.64 -5.05 -2.37
N GLU A 413 13.64 -4.66 -3.16
CA GLU A 413 12.27 -5.07 -2.88
C GLU A 413 12.05 -6.54 -3.15
N LEU A 414 12.66 -7.05 -4.21
CA LEU A 414 12.53 -8.46 -4.57
C LEU A 414 13.33 -9.35 -3.60
N CYS A 415 14.14 -8.73 -2.75
CA CYS A 415 14.85 -9.45 -1.71
C CYS A 415 14.04 -9.50 -0.43
N LEU A 416 13.49 -8.35 -0.03
CA LEU A 416 12.80 -8.22 1.25
C LEU A 416 11.33 -8.61 1.20
N SER A 417 10.60 -8.04 0.25
CA SER A 417 9.15 -8.22 0.17
C SER A 417 8.64 -9.67 0.02
N PRO A 418 9.20 -10.46 -0.91
CA PRO A 418 8.66 -11.82 -1.09
C PRO A 418 8.78 -12.72 0.14
N VAL A 419 9.69 -12.41 1.05
CA VAL A 419 9.86 -13.22 2.25
C VAL A 419 9.32 -12.50 3.49
N GLY A 420 8.69 -11.35 3.28
CA GLY A 420 8.19 -10.54 4.37
C GLY A 420 7.12 -11.22 5.20
N LEU A 421 6.10 -11.75 4.53
CA LEU A 421 5.00 -12.43 5.22
C LEU A 421 5.49 -13.73 5.84
N SER A 422 6.35 -14.44 5.12
CA SER A 422 6.91 -15.69 5.61
C SER A 422 7.68 -15.49 6.91
N ALA A 423 8.47 -14.41 6.96
CA ALA A 423 9.25 -14.08 8.15
C ALA A 423 8.33 -13.79 9.33
N THR A 424 7.24 -13.08 9.05
CA THR A 424 6.28 -12.71 10.07
C THR A 424 5.59 -13.95 10.65
N THR A 425 5.18 -14.86 9.76
CA THR A 425 4.49 -16.07 10.16
C THR A 425 5.32 -16.95 11.09
N LYS A 426 6.62 -17.05 10.79
CA LYS A 426 7.52 -17.92 11.54
C LYS A 426 7.83 -17.38 12.94
N LEU A 427 7.90 -16.07 13.08
CA LEU A 427 8.31 -15.46 14.35
C LEU A 427 7.14 -14.98 15.20
N ALA A 428 5.93 -14.97 14.61
CA ALA A 428 4.74 -14.59 15.37
C ALA A 428 4.18 -15.79 16.11
N PRO A 429 3.62 -15.56 17.31
CA PRO A 429 3.00 -16.62 18.11
C PRO A 429 1.87 -17.32 17.37
N ALA A 430 1.55 -18.54 17.79
CA ALA A 430 0.52 -19.35 17.13
C ALA A 430 -0.85 -18.69 17.22
N ALA A 431 -1.12 -18.01 18.33
CA ALA A 431 -2.42 -17.38 18.56
C ALA A 431 -2.65 -16.19 17.63
N PHE A 432 -1.56 -15.62 17.13
CA PHE A 432 -1.65 -14.45 16.25
C PHE A 432 -1.49 -14.82 14.78
N SER A 433 -1.90 -16.05 14.44
CA SER A 433 -1.78 -16.54 13.07
C SER A 433 -2.70 -15.80 12.11
N ALA A 434 -3.86 -15.39 12.62
CA ALA A 434 -4.86 -14.71 11.80
C ALA A 434 -4.53 -13.24 11.60
N GLN A 435 -3.51 -12.76 12.29
CA GLN A 435 -3.11 -11.36 12.21
C GLN A 435 -1.73 -11.18 11.61
N THR A 436 -1.21 -12.23 10.98
CA THR A 436 0.13 -12.21 10.41
C THR A 436 0.26 -11.22 9.26
N MET A 437 -0.76 -11.17 8.39
CA MET A 437 -0.75 -10.25 7.27
C MET A 437 -0.76 -8.80 7.73
N SER A 438 -1.64 -8.50 8.70
CA SER A 438 -1.77 -7.15 9.23
C SER A 438 -0.47 -6.68 9.86
N LEU A 439 0.19 -7.57 10.59
CA LEU A 439 1.45 -7.27 11.25
C LEU A 439 2.55 -6.98 10.23
N TRP A 440 2.60 -7.79 9.17
CA TRP A 440 3.58 -7.59 8.11
C TRP A 440 3.34 -6.30 7.34
N PHE A 441 2.07 -6.03 7.03
CA PHE A 441 1.71 -4.81 6.29
C PHE A 441 1.83 -3.57 7.16
N LEU A 442 1.88 -3.77 8.48
CA LEU A 442 1.99 -2.67 9.43
C LEU A 442 3.31 -1.91 9.27
N SER A 443 4.39 -2.64 9.01
CA SER A 443 5.71 -2.02 8.85
C SER A 443 5.73 -1.03 7.69
N ASN A 444 5.12 -1.43 6.59
CA ASN A 444 4.98 -0.56 5.42
C ASN A 444 4.08 0.63 5.73
N ALA A 445 3.04 0.39 6.53
CA ALA A 445 2.11 1.43 6.92
C ALA A 445 2.75 2.42 7.88
N ALA A 446 3.49 1.90 8.86
CA ALA A 446 4.16 2.74 9.84
C ALA A 446 5.24 3.59 9.18
N ALA A 447 5.83 3.05 8.12
CA ALA A 447 6.89 3.74 7.38
C ALA A 447 6.35 5.02 6.75
N GLN A 448 5.20 4.91 6.11
CA GLN A 448 4.59 6.04 5.43
C GLN A 448 4.16 7.12 6.42
N ALA A 449 3.80 6.70 7.63
CA ALA A 449 3.44 7.63 8.69
C ALA A 449 4.68 8.39 9.16
N ILE A 450 5.82 7.71 9.17
CA ILE A 450 7.08 8.34 9.54
C ILE A 450 7.58 9.24 8.42
N ASN A 451 7.38 8.80 7.18
CA ASN A 451 7.76 9.57 5.99
C ASN A 451 7.23 10.99 5.99
N ALA A 452 6.02 11.17 6.50
CA ALA A 452 5.37 12.48 6.53
C ALA A 452 6.11 13.45 7.46
N GLN A 453 6.68 12.90 8.53
CA GLN A 453 7.40 13.73 9.50
C GLN A 453 8.79 14.12 8.97
N LEU A 454 9.30 13.31 8.06
CA LEU A 454 10.64 13.53 7.50
C LEU A 454 10.61 14.57 6.39
N VAL A 455 9.40 14.86 5.89
CA VAL A 455 9.21 15.75 4.76
C VAL A 455 9.85 17.14 4.94
N ARG A 456 9.66 17.72 6.11
CA ARG A 456 10.15 19.07 6.38
C ARG A 456 11.67 19.17 6.31
N PHE A 457 12.36 18.04 6.43
CA PHE A 457 13.81 18.01 6.34
C PHE A 457 14.28 18.06 4.90
N TYR A 458 13.36 17.82 3.96
CA TYR A 458 13.72 17.82 2.55
C TYR A 458 13.60 19.19 1.91
N THR A 459 14.72 19.90 1.84
CA THR A 459 14.79 21.20 1.19
C THR A 459 15.98 21.18 0.22
N PRO A 460 15.95 22.04 -0.82
CA PRO A 460 17.06 22.11 -1.78
C PRO A 460 18.42 22.35 -1.11
N GLU A 461 18.42 23.04 0.03
CA GLU A 461 19.66 23.30 0.75
C GLU A 461 20.06 22.12 1.63
N ASN A 462 19.07 21.32 2.03
CA ASN A 462 19.31 20.16 2.88
C ASN A 462 19.21 18.85 2.09
N GLU A 463 19.17 18.98 0.76
CA GLU A 463 18.96 17.85 -0.12
C GLU A 463 20.00 16.74 0.04
N THR A 464 21.27 17.11 -0.04
CA THR A 464 22.36 16.15 0.08
C THR A 464 22.36 15.48 1.45
N ALA A 465 22.11 16.26 2.48
CA ALA A 465 22.04 15.74 3.84
C ALA A 465 20.82 14.83 4.02
N TYR A 466 19.73 15.17 3.34
CA TYR A 466 18.50 14.37 3.43
C TYR A 466 18.69 12.98 2.85
N PHE A 467 19.14 12.92 1.60
CA PHE A 467 19.38 11.66 0.92
C PHE A 467 20.51 10.87 1.57
N GLY A 468 21.54 11.59 2.01
CA GLY A 468 22.72 10.97 2.59
C GLY A 468 22.49 10.34 3.95
N THR A 469 21.80 11.07 4.83
CA THR A 469 21.54 10.60 6.18
C THR A 469 20.61 9.39 6.17
N ILE A 470 19.49 9.52 5.46
CA ILE A 470 18.51 8.44 5.37
C ILE A 470 19.10 7.21 4.71
N GLY A 471 19.75 7.42 3.56
CA GLY A 471 20.39 6.34 2.84
C GLY A 471 21.51 5.71 3.65
N GLY A 472 22.23 6.54 4.41
CA GLY A 472 23.31 6.07 5.24
C GLY A 472 22.80 5.27 6.43
N ALA A 473 21.65 5.68 6.96
CA ALA A 473 21.04 4.99 8.09
C ALA A 473 20.61 3.58 7.68
N ALA A 474 20.13 3.46 6.44
CA ALA A 474 19.71 2.17 5.91
C ALA A 474 20.90 1.25 5.69
N LEU A 475 22.03 1.84 5.28
CA LEU A 475 23.26 1.08 5.06
C LEU A 475 23.82 0.56 6.37
N VAL A 476 23.78 1.39 7.42
CA VAL A 476 24.25 1.00 8.73
C VAL A 476 23.38 -0.11 9.31
N LEU A 477 22.07 0.12 9.32
CA LEU A 477 21.12 -0.88 9.81
C LEU A 477 21.23 -2.20 9.04
N GLY A 478 21.36 -2.09 7.72
CA GLY A 478 21.50 -3.26 6.88
C GLY A 478 22.76 -4.04 7.19
N LEU A 479 23.83 -3.32 7.51
CA LEU A 479 25.09 -3.93 7.86
C LEU A 479 24.99 -4.65 9.20
N ILE A 480 24.26 -4.04 10.13
CA ILE A 480 24.05 -4.63 11.45
C ILE A 480 23.19 -5.89 11.34
N LEU A 481 22.14 -5.81 10.51
CA LEU A 481 21.21 -6.92 10.35
C LEU A 481 21.90 -8.17 9.80
N LEU A 482 22.83 -7.98 8.88
CA LEU A 482 23.62 -9.08 8.33
C LEU A 482 24.37 -9.82 9.41
N ALA A 483 24.94 -9.06 10.35
CA ALA A 483 25.76 -9.63 11.42
C ALA A 483 24.95 -10.49 12.38
N ILE A 484 23.73 -10.07 12.68
CA ILE A 484 22.87 -10.79 13.62
C ILE A 484 21.89 -11.72 12.89
N ALA A 485 22.01 -11.79 11.57
CA ALA A 485 21.16 -12.65 10.75
C ALA A 485 21.28 -14.17 11.02
N PRO A 486 22.51 -14.70 11.21
CA PRO A 486 22.60 -16.13 11.48
C PRO A 486 21.83 -16.57 12.72
N ARG A 487 21.89 -15.79 13.79
CA ARG A 487 21.17 -16.12 15.02
C ARG A 487 19.66 -16.09 14.80
N ILE A 488 19.19 -15.05 14.12
CA ILE A 488 17.77 -14.91 13.82
C ILE A 488 17.29 -16.01 12.90
N GLY A 489 18.12 -16.36 11.92
CA GLY A 489 17.78 -17.40 10.96
C GLY A 489 17.57 -18.77 11.59
N ARG A 490 18.33 -19.06 12.64
CA ARG A 490 18.22 -20.34 13.32
C ARG A 490 16.95 -20.45 14.17
N LEU A 491 16.46 -19.29 14.63
CA LEU A 491 15.24 -19.26 15.44
C LEU A 491 14.00 -19.49 14.60
N MET A 492 14.15 -19.31 13.29
CA MET A 492 13.03 -19.47 12.34
C MET A 492 12.45 -20.87 12.40
N LYS A 493 11.12 -20.95 12.39
CA LYS A 493 10.42 -22.24 12.44
C LYS A 493 10.47 -22.94 11.07
S SO4 B . -25.92 -14.53 4.51
O1 SO4 B . -26.79 -13.72 5.36
O2 SO4 B . -25.62 -13.80 3.29
O3 SO4 B . -24.69 -14.84 5.21
O4 SO4 B . -26.61 -15.78 4.18
S SO4 C . -10.98 -22.04 -20.92
O1 SO4 C . -11.44 -21.90 -19.54
O2 SO4 C . -10.36 -20.80 -21.36
O3 SO4 C . -10.02 -23.13 -21.01
O4 SO4 C . -12.13 -22.34 -21.78
S SO4 D . -17.28 -29.39 -11.20
O1 SO4 D . -17.70 -28.41 -10.19
O2 SO4 D . -16.80 -28.68 -12.38
O3 SO4 D . -16.20 -30.21 -10.65
O4 SO4 D . -18.41 -30.23 -11.55
S SO4 E . -18.08 -24.87 -16.45
O1 SO4 E . -18.57 -25.33 -17.73
O2 SO4 E . -17.53 -23.52 -16.58
O3 SO4 E . -17.03 -25.77 -15.98
O4 SO4 E . -19.18 -24.85 -15.49
C1 OLA F . -26.18 -4.73 4.47
O1 OLA F . -25.69 -4.98 5.60
O2 OLA F . -26.86 -5.61 3.89
C2 OLA F . -25.96 -3.40 3.81
C3 OLA F . -26.36 -2.28 4.75
C4 OLA F . -25.30 -1.18 4.80
C5 OLA F . -25.04 -0.57 3.42
C6 OLA F . -24.57 0.88 3.52
C7 OLA F . -23.23 1.06 2.83
C8 OLA F . -23.05 2.46 2.26
C9 OLA F . -22.80 2.34 0.76
C10 OLA F . -22.44 3.53 -0.02
C11 OLA F . -23.47 4.49 -0.59
C12 OLA F . -22.77 5.77 -1.03
C13 OLA F . -22.24 5.73 -2.47
C14 OLA F . -23.01 6.68 -3.39
#